data_6WCD
#
_entry.id   6WCD
#
_cell.length_a   56.383
_cell.length_b   73.149
_cell.length_c   98.877
_cell.angle_alpha   90.000
_cell.angle_beta   90.000
_cell.angle_gamma   90.000
#
_symmetry.space_group_name_H-M   'P 21 21 21'
#
loop_
_entity.id
_entity.type
_entity.pdbx_description
1 polymer 'DNA-(apurinic or apyrimidinic site) lyase'
2 non-polymer 'MAGNESIUM ION'
3 non-polymer '2-(N-MORPHOLINO)-ETHANESULFONIC ACID'
4 non-polymer 1,4-BUTANEDIOL
5 non-polymer 1,2-ETHANEDIOL
6 water water
#
_entity_poly.entity_id   1
_entity_poly.type   'polypeptide(L)'
_entity_poly.pdbx_seq_one_letter_code
;MKIVSWNINGIRATRVGLKETLDSLDADIICLQETKVTRDLLDEPSAIVEGYNSYFSFSRVRSGYSGVATFCKSSTTPQA
AEEGLSGVFCNRTGSVGCYGNTEQFLEEELQSLDQEGRAVLTQHRILNCEDKEETLTVINVYCPRADPEKPERKTYKLRF
YHLLQTRAEAILQNGGHVIILGDVNTSHRPLDHCDPTDLETFEENPGRQWLNQFLGDPIPSQKGDSETVMPPSAGSGLFY
DSFRYFHPTQKNAFTCWCSASGARQTNYGTRIDYILGNRELVESEFLDSVIMPEVEGSDHCPVKAFMKCQPIAANKCPPL
CTKYLPEFAGRQQKLLQFLVKKENTLGNTTEESSE
;
_entity_poly.pdbx_strand_id   A
#
loop_
_chem_comp.id
_chem_comp.type
_chem_comp.name
_chem_comp.formula
BU1 non-polymer 1,4-BUTANEDIOL 'C4 H10 O2'
EDO non-polymer 1,2-ETHANEDIOL 'C2 H6 O2'
MES non-polymer '2-(N-MORPHOLINO)-ETHANESULFONIC ACID' 'C6 H13 N O4 S'
MG non-polymer 'MAGNESIUM ION' 'Mg 2'
#
# COMPACT_ATOMS: atom_id res chain seq x y z
N MET A 1 16.04 -5.74 -5.49
CA MET A 1 14.98 -5.50 -4.42
C MET A 1 13.63 -5.71 -5.04
N LYS A 2 12.75 -6.40 -4.35
CA LYS A 2 11.41 -6.65 -4.84
C LYS A 2 10.35 -6.27 -3.83
N ILE A 3 9.25 -5.71 -4.31
CA ILE A 3 8.17 -5.27 -3.44
CA ILE A 3 8.17 -5.23 -3.47
C ILE A 3 6.83 -5.71 -4.04
N VAL A 4 5.97 -6.22 -3.19
CA VAL A 4 4.68 -6.74 -3.56
C VAL A 4 3.61 -5.96 -2.82
N SER A 5 2.50 -5.74 -3.48
CA SER A 5 1.27 -5.19 -2.89
C SER A 5 0.13 -6.14 -3.18
N TRP A 6 -0.71 -6.41 -2.17
CA TRP A 6 -1.82 -7.33 -2.36
C TRP A 6 -2.96 -7.04 -1.42
N ASN A 7 -4.15 -6.78 -1.96
CA ASN A 7 -5.36 -6.71 -1.16
C ASN A 7 -5.79 -8.15 -0.97
N ILE A 8 -5.56 -8.66 0.23
CA ILE A 8 -5.66 -10.09 0.53
C ILE A 8 -7.04 -10.48 1.00
N ASN A 9 -7.95 -9.52 1.16
CA ASN A 9 -9.35 -9.80 1.52
C ASN A 9 -9.45 -10.66 2.78
N GLY A 10 -8.58 -10.35 3.73
CA GLY A 10 -8.55 -11.07 4.99
C GLY A 10 -7.37 -12.07 5.01
N ILE A 11 -6.39 -11.86 5.88
CA ILE A 11 -5.27 -12.80 5.99
C ILE A 11 -5.76 -14.20 6.30
N ARG A 12 -6.61 -14.34 7.30
CA ARG A 12 -7.13 -15.66 7.69
C ARG A 12 -7.96 -16.29 6.58
N ALA A 13 -8.70 -15.48 5.81
CA ALA A 13 -9.63 -16.00 4.81
C ALA A 13 -8.91 -16.68 3.62
N THR A 14 -7.62 -16.47 3.45
CA THR A 14 -6.91 -17.21 2.41
C THR A 14 -6.83 -18.70 2.68
N ARG A 15 -7.00 -19.12 3.95
CA ARG A 15 -6.95 -20.52 4.36
C ARG A 15 -5.63 -21.18 4.02
N VAL A 16 -4.57 -20.39 4.02
CA VAL A 16 -3.19 -20.87 3.90
C VAL A 16 -2.39 -20.21 5.02
N GLY A 17 -1.44 -20.94 5.58
CA GLY A 17 -0.55 -20.34 6.56
C GLY A 17 0.16 -19.13 5.97
N LEU A 18 0.28 -18.07 6.77
CA LEU A 18 0.82 -16.84 6.22
C LEU A 18 2.31 -16.97 5.87
N LYS A 19 3.12 -17.73 6.60
CA LYS A 19 4.51 -17.89 6.20
C LYS A 19 4.62 -18.45 4.79
N GLU A 20 3.84 -19.50 4.49
CA GLU A 20 3.87 -20.11 3.17
C GLU A 20 3.48 -19.07 2.12
N THR A 21 2.39 -18.32 2.36
CA THR A 21 1.95 -17.32 1.41
C THR A 21 3.02 -16.26 1.18
N LEU A 22 3.57 -15.70 2.25
CA LEU A 22 4.56 -14.63 2.05
C LEU A 22 5.80 -15.14 1.35
N ASP A 23 6.32 -16.29 1.78
CA ASP A 23 7.51 -16.83 1.10
C ASP A 23 7.26 -17.02 -0.39
N SER A 24 6.05 -17.47 -0.76
CA SER A 24 5.73 -17.77 -2.15
CA SER A 24 5.76 -17.77 -2.16
C SER A 24 5.73 -16.52 -3.02
N LEU A 25 5.47 -15.36 -2.42
CA LEU A 25 5.44 -14.10 -3.15
C LEU A 25 6.84 -13.61 -3.48
N ASP A 26 7.86 -14.12 -2.80
CA ASP A 26 9.29 -13.93 -3.11
C ASP A 26 9.64 -12.44 -3.26
N ALA A 27 9.53 -11.70 -2.15
CA ALA A 27 9.81 -10.28 -2.15
C ALA A 27 10.39 -9.82 -0.81
N ASP A 28 11.09 -8.71 -0.85
CA ASP A 28 11.76 -8.20 0.35
C ASP A 28 10.86 -7.36 1.21
N ILE A 29 9.87 -6.73 0.62
CA ILE A 29 8.83 -5.96 1.30
C ILE A 29 7.50 -6.43 0.73
N ILE A 30 6.59 -6.86 1.59
CA ILE A 30 5.27 -7.31 1.16
C ILE A 30 4.24 -6.48 1.90
N CYS A 31 3.42 -5.79 1.14
CA CYS A 31 2.41 -4.89 1.65
C CYS A 31 1.03 -5.50 1.41
N LEU A 32 0.33 -5.77 2.47
CA LEU A 32 -1.01 -6.35 2.42
C LEU A 32 -2.03 -5.29 2.79
N GLN A 33 -3.14 -5.30 2.06
CA GLN A 33 -4.29 -4.49 2.42
C GLN A 33 -5.51 -5.35 2.75
N GLU A 34 -6.37 -4.77 3.57
CA GLU A 34 -7.55 -5.42 4.13
C GLU A 34 -7.10 -6.73 4.80
N THR A 35 -6.25 -6.58 5.81
CA THR A 35 -5.81 -7.72 6.61
C THR A 35 -6.97 -8.33 7.39
N LYS A 36 -7.99 -7.53 7.75
CA LYS A 36 -9.09 -7.89 8.65
C LYS A 36 -8.58 -8.31 10.01
N VAL A 37 -7.38 -7.85 10.36
CA VAL A 37 -6.83 -8.06 11.69
C VAL A 37 -7.02 -6.79 12.52
N THR A 38 -7.70 -6.91 13.65
CA THR A 38 -7.77 -5.87 14.64
C THR A 38 -7.15 -6.37 15.93
N ARG A 39 -6.80 -5.43 16.84
CA ARG A 39 -5.98 -5.85 17.97
C ARG A 39 -6.75 -6.73 18.94
N ASP A 40 -8.07 -6.56 19.05
CA ASP A 40 -8.90 -7.36 19.94
C ASP A 40 -8.84 -8.86 19.63
N LEU A 41 -8.46 -9.21 18.39
CA LEU A 41 -8.48 -10.62 17.99
C LEU A 41 -7.27 -11.41 18.51
N LEU A 42 -6.23 -10.74 18.98
CA LEU A 42 -5.01 -11.44 19.49
C LEU A 42 -4.44 -12.42 18.47
N ASP A 43 -4.46 -12.05 17.21
CA ASP A 43 -4.11 -12.96 16.10
C ASP A 43 -2.62 -12.93 15.83
N GLU A 44 -1.89 -13.56 16.76
CA GLU A 44 -0.44 -13.60 16.67
C GLU A 44 0.02 -14.28 15.40
N PRO A 45 -0.59 -15.37 14.95
CA PRO A 45 -0.09 -16.00 13.70
C PRO A 45 -0.21 -15.14 12.48
N SER A 46 -1.16 -14.22 12.42
CA SER A 46 -1.29 -13.35 11.27
C SER A 46 -0.35 -12.16 11.36
N ALA A 47 0.13 -11.83 12.53
CA ALA A 47 0.95 -10.63 12.73
C ALA A 47 2.43 -10.94 12.77
N ILE A 48 2.85 -12.05 13.37
CA ILE A 48 4.25 -12.37 13.58
C ILE A 48 4.57 -13.61 12.76
N VAL A 49 5.40 -13.44 11.74
CA VAL A 49 5.76 -14.53 10.86
C VAL A 49 7.27 -14.72 10.86
N GLU A 50 7.70 -15.95 11.00
CA GLU A 50 9.13 -16.29 10.99
C GLU A 50 9.78 -15.76 9.72
N GLY A 51 10.92 -15.07 9.87
CA GLY A 51 11.61 -14.51 8.74
C GLY A 51 11.22 -13.08 8.36
N TYR A 52 10.25 -12.48 9.03
CA TYR A 52 9.82 -11.15 8.71
C TYR A 52 9.67 -10.34 9.97
N ASN A 53 9.84 -9.02 9.83
CA ASN A 53 9.42 -8.07 10.85
C ASN A 53 8.30 -7.25 10.25
N SER A 54 7.21 -7.09 10.99
CA SER A 54 6.00 -6.52 10.39
C SER A 54 5.46 -5.35 11.16
N TYR A 55 4.68 -4.55 10.42
CA TYR A 55 4.16 -3.23 10.83
C TYR A 55 2.72 -3.15 10.38
N PHE A 56 1.82 -3.10 11.34
CA PHE A 56 0.37 -3.13 11.07
C PHE A 56 -0.24 -1.79 11.43
N SER A 57 -1.28 -1.43 10.73
CA SER A 57 -2.24 -0.44 11.22
C SER A 57 -3.54 -1.18 11.42
N PHE A 58 -4.03 -1.12 12.64
CA PHE A 58 -5.27 -1.78 13.03
C PHE A 58 -6.42 -0.80 13.08
N SER A 59 -7.56 -1.20 12.53
CA SER A 59 -8.74 -0.37 12.64
C SER A 59 -9.13 -0.22 14.11
N ARG A 60 -9.59 0.96 14.48
CA ARG A 60 -10.04 1.19 15.82
C ARG A 60 -11.55 1.32 15.87
N VAL A 61 -12.26 1.11 14.77
CA VAL A 61 -13.70 1.39 14.77
C VAL A 61 -14.62 0.18 14.65
N ARG A 62 -14.08 -0.98 14.32
CA ARG A 62 -14.89 -2.17 14.08
C ARG A 62 -13.95 -3.36 14.08
N SER A 63 -14.33 -4.43 14.74
CA SER A 63 -13.51 -5.66 14.77
C SER A 63 -13.49 -6.37 13.41
N GLY A 64 -12.31 -6.86 13.05
CA GLY A 64 -12.19 -7.63 11.82
C GLY A 64 -12.36 -6.85 10.55
N TYR A 65 -12.11 -5.56 10.59
CA TYR A 65 -12.38 -4.64 9.51
C TYR A 65 -11.12 -3.95 9.02
N SER A 66 -11.01 -3.81 7.70
CA SER A 66 -9.95 -3.00 7.08
C SER A 66 -8.59 -3.53 7.53
N GLY A 67 -7.63 -2.67 7.75
CA GLY A 67 -6.32 -3.06 8.17
C GLY A 67 -5.31 -3.17 7.07
N VAL A 68 -4.08 -2.73 7.34
CA VAL A 68 -2.97 -2.85 6.41
C VAL A 68 -1.76 -3.31 7.19
N ALA A 69 -0.84 -4.00 6.49
CA ALA A 69 0.36 -4.53 7.11
C ALA A 69 1.47 -4.52 6.09
N THR A 70 2.68 -4.17 6.55
CA THR A 70 3.90 -4.28 5.76
C THR A 70 4.84 -5.25 6.44
N PHE A 71 5.22 -6.28 5.70
CA PHE A 71 6.13 -7.32 6.14
C PHE A 71 7.47 -7.11 5.46
N CYS A 72 8.52 -7.08 6.25
CA CYS A 72 9.87 -6.85 5.77
C CYS A 72 10.77 -8.05 6.08
N LYS A 73 11.60 -8.48 5.12
CA LYS A 73 12.66 -9.40 5.44
C LYS A 73 13.76 -8.69 6.24
N SER A 74 14.66 -9.47 6.81
CA SER A 74 15.79 -8.90 7.58
CA SER A 74 15.75 -8.86 7.59
C SER A 74 16.57 -7.90 6.75
N SER A 75 16.64 -8.11 5.43
CA SER A 75 17.36 -7.24 4.50
C SER A 75 16.79 -5.82 4.44
N THR A 76 15.53 -5.63 4.80
CA THR A 76 14.85 -4.37 4.62
C THR A 76 14.28 -3.79 5.89
N THR A 77 14.76 -4.25 7.05
CA THR A 77 14.25 -3.73 8.31
C THR A 77 14.26 -2.20 8.24
N PRO A 78 13.14 -1.54 8.48
CA PRO A 78 13.05 -0.11 8.31
C PRO A 78 13.69 0.68 9.43
N GLN A 79 14.21 1.85 9.07
CA GLN A 79 14.74 2.77 10.05
C GLN A 79 13.65 3.47 10.82
N ALA A 80 12.45 3.58 10.25
CA ALA A 80 11.35 4.26 10.86
C ALA A 80 10.06 3.65 10.34
N ALA A 81 8.99 3.79 11.12
CA ALA A 81 7.70 3.26 10.72
C ALA A 81 6.60 3.99 11.50
N GLU A 82 5.49 4.21 10.84
CA GLU A 82 4.41 5.00 11.43
C GLU A 82 3.06 4.60 10.88
N GLU A 83 2.02 4.58 11.72
CA GLU A 83 0.66 4.31 11.30
C GLU A 83 0.00 5.61 10.82
N GLY A 84 -0.84 5.50 9.81
CA GLY A 84 -1.70 6.58 9.43
C GLY A 84 -0.99 7.56 8.53
N LEU A 85 -1.76 8.51 8.03
CA LEU A 85 -1.25 9.58 7.16
C LEU A 85 -1.11 10.93 7.82
N SER A 86 -1.68 11.14 8.99
CA SER A 86 -1.73 12.46 9.59
C SER A 86 -0.88 12.65 10.83
N GLY A 87 -0.38 11.60 11.44
CA GLY A 87 0.39 11.80 12.67
C GLY A 87 -0.37 11.65 13.96
N VAL A 88 -1.70 11.60 13.94
CA VAL A 88 -2.44 11.62 15.19
C VAL A 88 -2.25 10.32 15.98
N PHE A 89 -1.95 9.20 15.35
CA PHE A 89 -1.72 7.95 16.06
C PHE A 89 -0.24 7.60 16.12
N CYS A 90 0.61 8.62 16.22
CA CYS A 90 2.05 8.43 16.25
C CYS A 90 2.57 8.60 17.67
N THR A 93 8.95 7.62 19.55
CA THR A 93 10.13 7.37 18.79
C THR A 93 9.93 6.57 17.51
N GLY A 94 10.77 6.80 16.54
CA GLY A 94 10.88 5.95 15.36
C GLY A 94 9.86 6.24 14.29
N SER A 95 9.31 7.44 14.27
CA SER A 95 8.27 7.84 13.32
C SER A 95 8.86 8.50 12.07
N VAL A 96 8.00 8.70 11.07
CA VAL A 96 8.43 9.20 9.76
C VAL A 96 8.32 10.72 9.65
N GLY A 97 7.23 11.29 10.18
CA GLY A 97 7.12 12.74 10.08
C GLY A 97 6.84 13.25 8.67
N CYS A 98 7.18 14.52 8.46
CA CYS A 98 6.95 15.23 7.20
CA CYS A 98 6.94 15.24 7.21
C CYS A 98 5.45 15.18 6.83
N TYR A 99 4.64 15.88 7.63
CA TYR A 99 3.19 15.76 7.51
C TYR A 99 2.57 16.61 6.39
N GLY A 100 3.17 17.71 6.02
CA GLY A 100 2.59 18.64 5.10
C GLY A 100 1.52 19.52 5.78
N ASN A 101 0.97 20.42 4.99
CA ASN A 101 0.06 21.43 5.49
C ASN A 101 -1.34 20.85 5.50
N THR A 102 -1.90 20.65 6.69
CA THR A 102 -3.25 20.09 6.78
C THR A 102 -4.23 21.12 7.33
N GLU A 103 -3.97 22.42 7.08
CA GLU A 103 -4.85 23.49 7.54
C GLU A 103 -6.30 23.29 7.15
N GLN A 104 -6.54 22.65 6.02
CA GLN A 104 -7.90 22.44 5.54
C GLN A 104 -8.64 21.35 6.28
N PHE A 105 -7.98 20.59 7.15
CA PHE A 105 -8.60 19.52 7.92
C PHE A 105 -8.70 19.84 9.43
N LEU A 106 -9.90 19.72 10.00
CA LEU A 106 -10.01 19.70 11.46
C LEU A 106 -9.22 18.52 12.03
N GLU A 107 -8.70 18.66 13.25
CA GLU A 107 -8.07 17.52 13.91
C GLU A 107 -9.02 16.35 14.04
N GLU A 108 -10.28 16.61 14.35
CA GLU A 108 -11.16 15.48 14.50
C GLU A 108 -11.37 14.79 13.16
N GLU A 109 -11.30 15.54 12.07
CA GLU A 109 -11.34 14.86 10.76
C GLU A 109 -10.07 14.04 10.53
N LEU A 110 -8.88 14.56 10.91
CA LEU A 110 -7.70 13.75 10.79
C LEU A 110 -7.82 12.44 11.58
N GLN A 111 -8.41 12.51 12.78
CA GLN A 111 -8.54 11.27 13.53
C GLN A 111 -9.44 10.30 12.79
N SER A 112 -10.52 10.82 12.23
CA SER A 112 -11.45 9.95 11.50
CA SER A 112 -11.46 9.96 11.51
C SER A 112 -10.81 9.31 10.30
N LEU A 113 -9.97 10.07 9.58
CA LEU A 113 -9.32 9.56 8.39
C LEU A 113 -8.27 8.53 8.72
N ASP A 114 -7.69 8.58 9.94
CA ASP A 114 -6.62 7.67 10.32
C ASP A 114 -7.02 6.52 11.23
N GLN A 115 -8.28 6.47 11.67
CA GLN A 115 -8.65 5.47 12.66
C GLN A 115 -9.18 4.17 12.08
N GLU A 116 -9.17 3.98 10.76
CA GLU A 116 -9.73 2.79 10.16
C GLU A 116 -8.67 1.81 9.65
N GLY A 117 -7.43 1.98 10.09
CA GLY A 117 -6.39 1.02 9.71
C GLY A 117 -6.09 0.99 8.23
N ARG A 118 -6.02 2.17 7.60
CA ARG A 118 -5.89 2.22 6.16
C ARG A 118 -4.53 2.64 5.63
N ALA A 119 -3.58 2.94 6.48
CA ALA A 119 -2.25 3.33 6.00
C ALA A 119 -1.16 2.97 6.99
N VAL A 120 -0.06 2.47 6.49
CA VAL A 120 1.14 2.26 7.29
C VAL A 120 2.32 2.68 6.42
N LEU A 121 3.25 3.38 7.04
CA LEU A 121 4.44 3.91 6.38
C LEU A 121 5.68 3.27 6.96
N THR A 122 6.59 2.83 6.07
CA THR A 122 7.89 2.31 6.52
C THR A 122 8.96 3.04 5.72
N GLN A 123 10.08 3.34 6.38
CA GLN A 123 11.14 4.09 5.73
C GLN A 123 12.40 3.27 5.77
N HIS A 124 13.04 3.14 4.59
CA HIS A 124 14.11 2.20 4.32
C HIS A 124 15.29 2.98 3.73
N ARG A 125 16.49 2.72 4.19
CA ARG A 125 17.63 3.28 3.48
C ARG A 125 17.97 2.37 2.30
N ILE A 126 18.36 2.97 1.19
CA ILE A 126 18.66 2.23 -0.03
C ILE A 126 19.93 2.84 -0.62
N LEU A 127 20.66 2.03 -1.41
CA LEU A 127 21.77 2.52 -2.22
C LEU A 127 21.31 2.66 -3.65
N ASN A 128 21.47 3.84 -4.22
CA ASN A 128 20.94 4.11 -5.55
C ASN A 128 21.94 3.71 -6.63
N CYS A 129 21.67 4.08 -7.89
CA CYS A 129 22.51 3.56 -8.96
CA CYS A 129 22.49 3.66 -9.03
C CYS A 129 23.91 4.19 -9.00
N GLU A 130 24.18 5.25 -8.23
CA GLU A 130 25.51 5.79 -8.06
C GLU A 130 26.14 5.36 -6.74
N ASP A 131 25.52 4.41 -6.08
CA ASP A 131 25.88 3.87 -4.77
C ASP A 131 25.87 4.95 -3.67
N LYS A 132 24.99 5.94 -3.83
CA LYS A 132 24.70 6.90 -2.77
C LYS A 132 23.54 6.42 -1.94
N GLU A 133 23.62 6.67 -0.63
CA GLU A 133 22.53 6.29 0.25
C GLU A 133 21.42 7.32 0.21
N GLU A 134 20.20 6.83 0.07
CA GLU A 134 19.00 7.64 0.04
C GLU A 134 17.95 6.96 0.89
N THR A 135 16.88 7.71 1.21
CA THR A 135 15.74 7.17 1.91
CA THR A 135 15.75 7.15 1.91
C THR A 135 14.65 6.79 0.93
N LEU A 136 13.99 5.67 1.16
CA LEU A 136 12.79 5.26 0.44
C LEU A 136 11.67 5.08 1.44
N THR A 137 10.59 5.86 1.28
CA THR A 137 9.43 5.70 2.12
C THR A 137 8.35 4.96 1.37
N VAL A 138 7.84 3.88 1.95
CA VAL A 138 6.79 3.04 1.40
C VAL A 138 5.49 3.35 2.14
N ILE A 139 4.48 3.81 1.40
CA ILE A 139 3.19 4.16 1.95
C ILE A 139 2.20 3.14 1.46
N ASN A 140 1.72 2.30 2.36
CA ASN A 140 0.87 1.14 2.07
C ASN A 140 -0.56 1.55 2.44
N VAL A 141 -1.47 1.65 1.45
CA VAL A 141 -2.81 2.21 1.66
C VAL A 141 -3.92 1.31 1.21
N TYR A 142 -5.03 1.31 1.96
CA TYR A 142 -6.30 0.67 1.60
C TYR A 142 -7.33 1.77 1.56
N CYS A 143 -7.60 2.31 0.38
CA CYS A 143 -8.45 3.49 0.27
C CYS A 143 -9.90 3.10 0.52
N PRO A 144 -10.71 4.02 1.03
CA PRO A 144 -12.11 3.74 1.31
C PRO A 144 -12.95 3.64 0.06
N ARG A 145 -14.17 3.26 0.31
CA ARG A 145 -15.08 3.15 -0.76
C ARG A 145 -16.31 4.00 -0.46
N ALA A 146 -16.89 4.55 -1.51
CA ALA A 146 -18.17 5.24 -1.44
C ALA A 146 -19.26 4.19 -1.26
N ASP A 147 -20.32 4.59 -0.66
CA ASP A 147 -21.40 3.69 -0.29
C ASP A 147 -22.66 4.49 -0.55
N PRO A 148 -23.46 4.13 -1.55
CA PRO A 148 -24.65 4.95 -1.82
C PRO A 148 -25.59 5.12 -0.66
N GLU A 149 -25.70 4.16 0.26
CA GLU A 149 -26.62 4.33 1.34
C GLU A 149 -26.01 5.12 2.50
N LYS A 150 -24.73 5.48 2.40
CA LYS A 150 -24.06 6.36 3.38
C LYS A 150 -23.30 7.46 2.64
N PRO A 151 -24.02 8.56 2.31
CA PRO A 151 -23.42 9.55 1.40
C PRO A 151 -22.16 10.17 1.93
N GLU A 152 -22.01 10.22 3.25
CA GLU A 152 -20.78 10.81 3.82
C GLU A 152 -19.53 10.04 3.45
N ARG A 153 -19.63 8.75 3.03
CA ARG A 153 -18.45 8.00 2.75
C ARG A 153 -17.78 8.36 1.42
N LYS A 154 -18.57 8.96 0.49
CA LYS A 154 -17.93 9.48 -0.71
C LYS A 154 -17.01 10.66 -0.37
N THR A 155 -17.50 11.51 0.53
CA THR A 155 -16.67 12.63 0.99
C THR A 155 -15.46 12.13 1.72
N TYR A 156 -15.64 11.13 2.59
CA TYR A 156 -14.51 10.53 3.30
C TYR A 156 -13.44 10.05 2.33
N LYS A 157 -13.86 9.35 1.26
CA LYS A 157 -12.91 8.80 0.31
C LYS A 157 -12.08 9.91 -0.37
N LEU A 158 -12.77 10.99 -0.78
CA LEU A 158 -12.06 12.07 -1.48
C LEU A 158 -11.14 12.80 -0.52
N ARG A 159 -11.58 12.97 0.74
CA ARG A 159 -10.69 13.58 1.74
C ARG A 159 -9.50 12.72 2.07
N PHE A 160 -9.68 11.39 2.05
CA PHE A 160 -8.55 10.47 2.24
C PHE A 160 -7.52 10.63 1.13
N TYR A 161 -8.00 10.70 -0.12
CA TYR A 161 -7.11 10.95 -1.24
C TYR A 161 -6.34 12.27 -1.06
N HIS A 162 -7.03 13.31 -0.60
CA HIS A 162 -6.35 14.59 -0.45
C HIS A 162 -5.30 14.51 0.66
N LEU A 163 -5.63 13.83 1.74
CA LEU A 163 -4.63 13.62 2.80
C LEU A 163 -3.43 12.80 2.32
N LEU A 164 -3.68 11.73 1.59
CA LEU A 164 -2.62 10.90 1.03
C LEU A 164 -1.70 11.71 0.15
N GLN A 165 -2.26 12.53 -0.75
CA GLN A 165 -1.43 13.38 -1.59
C GLN A 165 -0.60 14.33 -0.75
N THR A 166 -1.23 14.98 0.21
CA THR A 166 -0.52 15.93 1.06
C THR A 166 0.67 15.27 1.73
N ARG A 167 0.46 14.11 2.31
CA ARG A 167 1.53 13.46 3.06
C ARG A 167 2.65 12.99 2.11
N ALA A 168 2.27 12.32 1.02
CA ALA A 168 3.27 11.75 0.13
C ALA A 168 4.13 12.82 -0.49
N GLU A 169 3.52 13.94 -0.89
CA GLU A 169 4.31 15.04 -1.48
C GLU A 169 5.18 15.71 -0.43
N ALA A 170 4.75 15.75 0.83
CA ALA A 170 5.58 16.39 1.85
C ALA A 170 6.80 15.52 2.15
N ILE A 171 6.61 14.21 2.20
CA ILE A 171 7.77 13.33 2.41
C ILE A 171 8.72 13.49 1.24
N LEU A 172 8.18 13.53 0.02
CA LEU A 172 9.03 13.62 -1.17
C LEU A 172 9.79 14.93 -1.19
N GLN A 173 9.14 16.02 -0.75
CA GLN A 173 9.80 17.31 -0.72
C GLN A 173 10.98 17.32 0.25
N ASN A 174 10.99 16.46 1.25
CA ASN A 174 12.09 16.39 2.22
C ASN A 174 13.32 15.70 1.64
N GLY A 175 13.23 15.11 0.44
CA GLY A 175 14.34 14.42 -0.20
C GLY A 175 14.09 12.91 -0.27
N GLY A 176 14.91 12.26 -1.06
CA GLY A 176 14.70 10.82 -1.15
C GLY A 176 13.51 10.46 -2.05
N HIS A 177 13.00 9.26 -1.83
CA HIS A 177 12.05 8.64 -2.74
C HIS A 177 10.83 8.13 -1.97
N VAL A 178 9.73 8.02 -2.70
CA VAL A 178 8.45 7.60 -2.15
C VAL A 178 7.76 6.61 -3.09
N ILE A 179 7.31 5.48 -2.52
CA ILE A 179 6.41 4.57 -3.21
C ILE A 179 5.08 4.59 -2.49
N ILE A 180 3.99 4.73 -3.22
CA ILE A 180 2.63 4.57 -2.72
C ILE A 180 2.11 3.31 -3.36
N LEU A 181 1.72 2.32 -2.57
CA LEU A 181 1.16 1.13 -3.15
C LEU A 181 -0.05 0.67 -2.41
N GLY A 182 -0.90 -0.03 -3.12
CA GLY A 182 -2.04 -0.62 -2.48
C GLY A 182 -3.27 -0.45 -3.31
N ASP A 183 -4.41 -0.55 -2.65
CA ASP A 183 -5.73 -0.60 -3.26
C ASP A 183 -6.25 0.82 -3.24
N VAL A 184 -6.07 1.48 -4.38
CA VAL A 184 -6.54 2.87 -4.52
C VAL A 184 -8.03 2.94 -4.78
N ASN A 185 -8.67 1.85 -5.22
CA ASN A 185 -10.10 1.76 -5.39
C ASN A 185 -10.64 2.77 -6.42
N THR A 186 -9.82 3.11 -7.42
CA THR A 186 -10.22 3.85 -8.62
C THR A 186 -9.37 3.30 -9.76
N SER A 187 -9.99 3.02 -10.92
CA SER A 187 -9.23 2.68 -12.10
C SER A 187 -8.95 3.95 -12.87
N HIS A 188 -7.81 4.00 -13.54
CA HIS A 188 -7.38 5.30 -14.06
C HIS A 188 -7.92 5.62 -15.45
N ARG A 189 -7.68 4.75 -16.42
CA ARG A 189 -8.01 4.97 -17.81
C ARG A 189 -8.86 3.84 -18.37
N PRO A 190 -9.50 4.05 -19.50
CA PRO A 190 -10.39 3.02 -20.08
C PRO A 190 -9.76 1.64 -20.18
N LEU A 191 -8.46 1.57 -20.50
CA LEU A 191 -7.74 0.32 -20.61
C LEU A 191 -7.74 -0.46 -19.30
N ASP A 192 -7.95 0.21 -18.19
CA ASP A 192 -7.87 -0.36 -16.87
C ASP A 192 -9.15 -1.04 -16.41
N HIS A 193 -10.15 -1.15 -17.27
CA HIS A 193 -11.48 -1.63 -16.90
CA HIS A 193 -11.36 -1.83 -16.85
C HIS A 193 -12.02 -2.46 -18.06
N CYS A 194 -12.91 -3.37 -17.74
CA CYS A 194 -13.51 -4.16 -18.77
C CYS A 194 -14.36 -3.26 -19.68
N ASP A 195 -14.41 -3.60 -20.97
CA ASP A 195 -15.19 -2.87 -21.92
C ASP A 195 -16.68 -3.09 -21.60
N PRO A 196 -17.53 -2.13 -21.91
CA PRO A 196 -17.33 -0.84 -22.58
C PRO A 196 -17.09 0.34 -21.63
N THR A 197 -16.64 1.47 -22.18
CA THR A 197 -16.29 2.63 -21.37
C THR A 197 -17.16 3.83 -21.68
N ASP A 198 -17.32 4.67 -20.66
CA ASP A 198 -18.07 5.92 -20.78
C ASP A 198 -17.42 6.81 -21.83
N LEU A 199 -18.21 7.16 -22.86
CA LEU A 199 -17.75 8.00 -23.93
C LEU A 199 -17.94 9.47 -23.69
N THR A 201 -18.26 11.13 -20.27
CA THR A 201 -17.93 11.59 -18.94
C THR A 201 -17.04 10.68 -18.11
N PHE A 202 -16.13 9.97 -18.75
CA PHE A 202 -15.26 9.06 -18.01
C PHE A 202 -14.36 9.83 -17.04
N GLU A 203 -13.91 11.02 -17.43
CA GLU A 203 -13.08 11.88 -16.59
C GLU A 203 -13.86 12.60 -15.50
N GLU A 204 -15.19 12.64 -15.59
CA GLU A 204 -16.02 13.39 -14.63
C GLU A 204 -15.92 12.84 -13.21
N ASN A 205 -15.50 11.60 -13.04
CA ASN A 205 -15.44 10.95 -11.75
C ASN A 205 -14.44 11.68 -10.84
N PRO A 206 -14.83 12.14 -9.64
CA PRO A 206 -13.89 12.94 -8.81
C PRO A 206 -12.67 12.17 -8.34
N GLY A 207 -12.75 10.85 -8.18
CA GLY A 207 -11.58 10.08 -7.81
C GLY A 207 -10.61 10.00 -8.97
N ARG A 208 -11.16 9.88 -10.19
CA ARG A 208 -10.31 9.82 -11.36
C ARG A 208 -9.71 11.17 -11.66
N GLN A 209 -10.45 12.24 -11.40
CA GLN A 209 -9.85 13.57 -11.51
C GLN A 209 -8.67 13.68 -10.56
N TRP A 210 -8.84 13.17 -9.33
CA TRP A 210 -7.75 13.21 -8.36
C TRP A 210 -6.53 12.47 -8.89
N LEU A 211 -6.74 11.25 -9.38
CA LEU A 211 -5.63 10.46 -9.90
C LEU A 211 -4.96 11.15 -11.07
N ASN A 212 -5.76 11.73 -12.00
CA ASN A 212 -5.20 12.37 -13.17
C ASN A 212 -4.22 13.47 -12.78
N GLN A 213 -4.50 14.24 -11.73
CA GLN A 213 -3.56 15.29 -11.35
C GLN A 213 -2.47 14.80 -10.42
N PHE A 214 -2.67 13.67 -9.75
CA PHE A 214 -1.65 13.15 -8.86
C PHE A 214 -0.53 12.45 -9.64
N LEU A 215 -0.90 11.84 -10.77
CA LEU A 215 0.04 11.08 -11.59
C LEU A 215 0.57 11.95 -12.72
N GLY A 216 1.83 11.74 -13.03
CA GLY A 216 2.40 12.32 -14.21
C GLY A 216 2.37 11.35 -15.37
N ASP A 217 2.62 11.87 -16.55
CA ASP A 217 2.69 11.04 -17.73
C ASP A 217 4.13 10.92 -18.17
N PRO A 218 4.70 9.71 -18.23
CA PRO A 218 6.03 9.59 -18.87
C PRO A 218 5.99 9.91 -20.36
N SER A 236 1.57 16.34 -15.02
CA SER A 236 1.97 17.40 -14.12
C SER A 236 2.34 16.82 -12.76
N GLY A 237 1.74 15.67 -12.36
CA GLY A 237 1.95 14.97 -11.13
C GLY A 237 3.39 14.52 -10.95
N LEU A 238 3.71 14.23 -9.71
CA LEU A 238 5.05 13.91 -9.27
C LEU A 238 5.28 12.41 -9.21
N PHE A 239 4.25 11.61 -9.38
CA PHE A 239 4.30 10.14 -9.25
C PHE A 239 3.97 9.48 -10.57
N TYR A 240 4.60 8.35 -10.87
CA TYR A 240 4.26 7.54 -12.02
C TYR A 240 3.60 6.24 -11.55
N ASP A 241 2.62 5.80 -12.34
CA ASP A 241 2.03 4.46 -12.29
C ASP A 241 3.03 3.47 -12.89
N SER A 242 3.73 2.74 -12.05
CA SER A 242 4.89 2.01 -12.56
C SER A 242 4.46 0.92 -13.54
N PHE A 243 3.34 0.26 -13.29
CA PHE A 243 2.90 -0.75 -14.24
C PHE A 243 2.82 -0.16 -15.64
N ARG A 244 2.25 1.05 -15.79
CA ARG A 244 2.09 1.61 -17.11
C ARG A 244 3.36 2.23 -17.66
N TYR A 245 4.33 2.54 -16.81
CA TYR A 245 5.62 2.95 -17.31
C TYR A 245 6.23 1.83 -18.14
N PHE A 246 6.03 0.58 -17.70
CA PHE A 246 6.65 -0.55 -18.41
C PHE A 246 5.70 -1.25 -19.37
N HIS A 247 4.39 -1.13 -19.17
CA HIS A 247 3.39 -1.85 -19.97
C HIS A 247 2.26 -0.90 -20.37
N PRO A 248 2.59 0.12 -21.14
CA PRO A 248 1.61 1.21 -21.34
C PRO A 248 0.37 0.81 -22.13
N THR A 249 0.44 -0.24 -22.95
CA THR A 249 -0.69 -0.62 -23.81
C THR A 249 -1.26 -1.99 -23.48
N GLN A 250 -0.79 -2.66 -22.43
CA GLN A 250 -1.25 -4.03 -22.15
C GLN A 250 -2.74 -4.03 -21.79
N LYS A 251 -3.51 -4.85 -22.50
CA LYS A 251 -4.95 -4.99 -22.31
C LYS A 251 -5.29 -6.07 -21.28
N ASN A 252 -6.48 -5.91 -20.65
CA ASN A 252 -7.00 -6.93 -19.70
C ASN A 252 -6.09 -7.17 -18.51
N ALA A 253 -5.37 -6.15 -18.08
CA ALA A 253 -4.44 -6.33 -17.00
C ALA A 253 -5.14 -5.94 -15.71
N PHE A 254 -6.05 -6.79 -15.27
CA PHE A 254 -6.85 -6.47 -14.11
C PHE A 254 -6.29 -7.08 -12.83
N THR A 255 -6.67 -6.49 -11.69
CA THR A 255 -6.21 -6.95 -10.39
C THR A 255 -7.34 -7.34 -9.44
N CYS A 256 -8.60 -7.12 -9.85
CA CYS A 256 -9.73 -7.30 -8.97
C CYS A 256 -10.91 -7.80 -9.76
N TRP A 257 -11.58 -8.86 -9.23
CA TRP A 257 -12.76 -9.46 -9.82
C TRP A 257 -13.71 -9.78 -8.67
N CYS A 258 -14.99 -9.53 -8.84
CA CYS A 258 -15.89 -9.81 -7.75
C CYS A 258 -15.99 -11.30 -7.46
N SER A 259 -16.30 -11.63 -6.23
CA SER A 259 -16.26 -13.04 -5.83
C SER A 259 -17.34 -13.84 -6.56
N ALA A 260 -18.41 -13.19 -6.95
CA ALA A 260 -19.58 -13.93 -7.42
C ALA A 260 -19.56 -14.12 -8.92
N SER A 261 -20.36 -15.09 -9.38
CA SER A 261 -20.81 -15.17 -10.77
C SER A 261 -19.65 -15.36 -11.74
N GLY A 262 -18.56 -15.94 -11.26
CA GLY A 262 -17.50 -16.45 -12.14
C GLY A 262 -16.63 -15.37 -12.75
N ALA A 263 -16.56 -14.22 -12.10
CA ALA A 263 -15.93 -13.06 -12.72
C ALA A 263 -14.46 -13.29 -13.03
N ARG A 264 -13.72 -13.95 -12.12
CA ARG A 264 -12.30 -14.07 -12.41
C ARG A 264 -12.04 -14.93 -13.63
N GLN A 265 -12.90 -15.91 -13.89
CA GLN A 265 -12.78 -16.73 -15.07
C GLN A 265 -13.21 -16.01 -16.35
N THR A 266 -14.18 -15.09 -16.27
CA THR A 266 -14.63 -14.40 -17.48
C THR A 266 -13.84 -13.10 -17.68
N ASN A 267 -12.94 -12.79 -16.76
CA ASN A 267 -12.15 -11.56 -16.70
C ASN A 267 -13.06 -10.33 -16.64
N TYR A 268 -14.10 -10.46 -15.86
CA TYR A 268 -14.94 -9.33 -15.49
C TYR A 268 -14.24 -8.62 -14.34
N GLY A 269 -13.35 -7.70 -14.69
CA GLY A 269 -12.45 -7.10 -13.71
C GLY A 269 -12.00 -5.68 -13.98
N THR A 270 -11.17 -5.19 -13.04
CA THR A 270 -10.67 -3.81 -13.06
CA THR A 270 -10.63 -3.83 -13.14
C THR A 270 -9.27 -3.81 -12.48
N ARG A 271 -8.43 -2.83 -12.88
CA ARG A 271 -7.11 -2.63 -12.28
C ARG A 271 -7.20 -1.47 -11.27
N ILE A 272 -7.16 -1.79 -9.98
CA ILE A 272 -7.31 -0.79 -8.91
C ILE A 272 -6.18 -0.89 -7.89
N ASP A 273 -5.22 -1.76 -8.13
CA ASP A 273 -4.04 -1.94 -7.28
C ASP A 273 -2.81 -1.44 -8.04
N TYR A 274 -2.04 -0.60 -7.37
CA TYR A 274 -0.98 0.15 -7.98
C TYR A 274 0.29 0.08 -7.17
N ILE A 275 1.42 0.28 -7.88
CA ILE A 275 2.71 0.64 -7.28
C ILE A 275 3.12 1.95 -7.91
N LEU A 276 2.95 3.05 -7.18
CA LEU A 276 3.26 4.38 -7.66
C LEU A 276 4.61 4.78 -7.09
N GLY A 277 5.45 5.42 -7.88
CA GLY A 277 6.72 5.89 -7.37
C GLY A 277 6.99 7.28 -7.88
N ASN A 278 7.83 8.02 -7.16
CA ASN A 278 8.17 9.32 -7.71
C ASN A 278 8.94 9.14 -9.03
N ARG A 279 8.86 10.15 -9.89
CA ARG A 279 9.38 10.03 -11.26
CA ARG A 279 9.39 10.04 -11.26
C ARG A 279 10.82 9.52 -11.26
N GLU A 280 11.69 10.14 -10.46
CA GLU A 280 13.10 9.77 -10.51
C GLU A 280 13.34 8.32 -10.10
N LEU A 281 12.62 7.84 -9.09
CA LEU A 281 12.75 6.46 -8.64
C LEU A 281 12.35 5.48 -9.71
N VAL A 282 11.22 5.70 -10.36
CA VAL A 282 10.76 4.77 -11.38
C VAL A 282 11.74 4.77 -12.58
N GLU A 283 12.16 5.96 -13.04
CA GLU A 283 13.03 6.07 -14.21
C GLU A 283 14.40 5.48 -13.93
N SER A 284 14.95 5.68 -12.73
CA SER A 284 16.33 5.28 -12.49
C SER A 284 16.49 3.97 -11.72
N GLU A 285 15.54 3.54 -10.94
CA GLU A 285 15.73 2.38 -10.10
C GLU A 285 14.82 1.21 -10.40
N PHE A 286 13.70 1.41 -11.10
CA PHE A 286 12.83 0.30 -11.40
C PHE A 286 13.32 -0.48 -12.62
N LEU A 287 13.16 -1.80 -12.55
CA LEU A 287 13.35 -2.68 -13.69
C LEU A 287 12.05 -3.13 -14.34
N ASP A 288 11.02 -3.38 -13.54
CA ASP A 288 9.74 -3.82 -14.07
C ASP A 288 8.68 -3.64 -13.00
N SER A 289 7.42 -3.69 -13.43
CA SER A 289 6.27 -3.66 -12.54
C SER A 289 5.21 -4.48 -13.25
N VAL A 290 4.65 -5.48 -12.57
CA VAL A 290 3.82 -6.49 -13.17
C VAL A 290 2.60 -6.77 -12.30
N ILE A 291 1.67 -7.52 -12.89
CA ILE A 291 0.55 -8.10 -12.17
CA ILE A 291 0.51 -8.12 -12.24
C ILE A 291 0.85 -9.58 -12.02
N MET A 292 0.36 -10.17 -10.92
CA MET A 292 0.54 -11.60 -10.61
C MET A 292 -0.79 -12.35 -10.60
N PRO A 293 -1.43 -12.53 -11.76
CA PRO A 293 -2.79 -13.08 -11.77
C PRO A 293 -2.83 -14.56 -11.39
N GLU A 294 -1.67 -15.21 -11.33
CA GLU A 294 -1.60 -16.61 -10.94
C GLU A 294 -1.79 -16.85 -9.47
N VAL A 295 -1.66 -15.82 -8.64
CA VAL A 295 -1.74 -15.97 -7.19
C VAL A 295 -3.20 -15.94 -6.78
N GLU A 296 -3.67 -17.03 -6.17
CA GLU A 296 -5.04 -17.16 -5.72
C GLU A 296 -5.18 -16.89 -4.23
N GLY A 297 -6.42 -16.86 -3.77
CA GLY A 297 -6.70 -16.71 -2.34
C GLY A 297 -7.44 -15.47 -1.95
N SER A 298 -7.58 -14.50 -2.86
CA SER A 298 -8.27 -13.26 -2.61
C SER A 298 -9.18 -12.94 -3.80
N ASP A 299 -9.97 -11.91 -3.65
CA ASP A 299 -10.70 -11.39 -4.77
C ASP A 299 -9.82 -10.43 -5.62
N HIS A 300 -8.65 -10.06 -5.10
CA HIS A 300 -7.66 -9.34 -5.86
C HIS A 300 -6.47 -10.26 -6.09
N CYS A 301 -5.67 -9.94 -7.08
CA CYS A 301 -4.35 -10.56 -7.18
C CYS A 301 -3.26 -9.55 -6.85
N PRO A 302 -2.06 -10.00 -6.53
CA PRO A 302 -0.99 -9.05 -6.22
C PRO A 302 -0.45 -8.32 -7.43
N VAL A 303 0.26 -7.24 -7.14
CA VAL A 303 1.14 -6.55 -8.07
C VAL A 303 2.55 -6.52 -7.48
N LYS A 304 3.56 -6.50 -8.35
CA LYS A 304 4.94 -6.67 -7.90
C LYS A 304 5.86 -5.78 -8.71
N ALA A 305 6.80 -5.13 -8.03
CA ALA A 305 7.83 -4.36 -8.69
C ALA A 305 9.21 -4.92 -8.39
N PHE A 306 10.08 -4.71 -9.36
CA PHE A 306 11.46 -5.23 -9.37
C PHE A 306 12.32 -3.99 -9.50
N MET A 307 13.26 -3.82 -8.57
CA MET A 307 14.08 -2.61 -8.52
CA MET A 307 14.08 -2.62 -8.50
C MET A 307 15.56 -2.98 -8.40
N LYS A 308 16.39 -2.11 -8.88
CA LYS A 308 17.84 -2.36 -8.90
C LYS A 308 18.53 -1.78 -7.67
N CYS A 309 17.85 -0.96 -6.91
CA CYS A 309 18.45 -0.43 -5.69
C CYS A 309 18.55 -1.48 -4.60
N GLN A 310 19.51 -1.29 -3.70
CA GLN A 310 19.85 -2.30 -2.68
C GLN A 310 19.59 -1.75 -1.29
N PRO A 311 18.92 -2.49 -0.45
CA PRO A 311 18.51 -1.95 0.86
C PRO A 311 19.61 -2.08 1.89
N ILE A 312 19.56 -1.17 2.85
CA ILE A 312 20.45 -1.16 4.01
C ILE A 312 19.51 -1.35 5.21
N ALA A 313 19.61 -2.49 5.88
CA ALA A 313 18.71 -2.78 7.00
C ALA A 313 19.08 -1.97 8.22
N ALA A 314 18.06 -1.54 8.94
CA ALA A 314 18.29 -0.96 10.27
C ALA A 314 18.75 -2.03 11.24
N ASN A 315 19.43 -1.58 12.31
CA ASN A 315 19.97 -2.49 13.29
C ASN A 315 18.93 -2.96 14.28
N LYS A 316 17.79 -2.30 14.35
CA LYS A 316 16.75 -2.66 15.28
C LYS A 316 15.44 -2.31 14.60
N CYS A 317 14.42 -3.12 14.87
CA CYS A 317 13.09 -2.80 14.41
C CYS A 317 12.52 -1.59 15.16
N PRO A 318 11.88 -0.66 14.46
CA PRO A 318 11.31 0.50 15.12
C PRO A 318 10.13 0.13 15.99
N PRO A 319 9.68 1.01 16.87
CA PRO A 319 8.72 0.61 17.93
C PRO A 319 7.37 0.13 17.43
N LEU A 320 6.97 0.47 16.22
CA LEU A 320 5.69 0.03 15.68
C LEU A 320 5.68 -1.46 15.40
N CYS A 321 6.82 -2.09 15.37
CA CYS A 321 6.85 -3.49 14.99
C CYS A 321 5.95 -4.33 15.92
N THR A 322 5.21 -5.27 15.30
CA THR A 322 4.31 -6.16 16.02
C THR A 322 4.99 -6.96 17.10
N LYS A 323 6.30 -7.21 16.97
CA LYS A 323 6.95 -8.04 17.98
C LYS A 323 6.97 -7.37 19.35
N TYR A 324 6.72 -6.07 19.41
CA TYR A 324 6.71 -5.35 20.65
C TYR A 324 5.34 -5.24 21.26
N LEU A 325 4.31 -5.73 20.62
CA LEU A 325 2.98 -5.65 21.20
C LEU A 325 2.93 -6.44 22.49
N PRO A 326 2.41 -5.86 23.58
CA PRO A 326 2.44 -6.55 24.88
C PRO A 326 1.70 -7.88 24.88
N GLU A 327 0.62 -7.99 24.09
CA GLU A 327 -0.14 -9.24 24.06
C GLU A 327 0.66 -10.39 23.49
N PHE A 328 1.74 -10.11 22.74
CA PHE A 328 2.53 -11.16 22.10
C PHE A 328 3.88 -11.37 22.80
N ALA A 329 4.02 -10.93 24.05
CA ALA A 329 5.35 -10.96 24.70
C ALA A 329 5.86 -12.39 24.95
N GLY A 330 4.98 -13.38 25.09
CA GLY A 330 5.40 -14.77 25.17
C GLY A 330 5.33 -15.33 26.59
N ARG A 331 5.42 -16.67 26.67
CA ARG A 331 5.23 -17.37 27.93
C ARG A 331 6.35 -17.07 28.92
N GLN A 332 7.58 -16.88 28.45
CA GLN A 332 8.69 -16.60 29.37
C GLN A 332 8.46 -15.32 30.14
N GLN A 333 7.82 -14.32 29.51
CA GLN A 333 7.48 -13.08 30.21
C GLN A 333 6.26 -13.25 31.13
N LYS A 334 5.40 -14.21 30.83
CA LYS A 334 4.21 -14.43 31.65
C LYS A 334 4.58 -14.88 33.05
MG MG B . -12.27 -7.22 0.38
N4 MES C . -3.51 -11.32 30.33
C7 MES C . -2.62 -11.05 29.23
C8 MES C . -3.32 -11.70 28.03
S MES C . -2.63 -11.21 26.61
O1S MES C . -1.39 -10.45 26.92
O2S MES C . -2.29 -12.39 25.79
O3S MES C . -3.60 -10.36 25.90
HN4 MES C . -4.00 -10.48 30.59
H71 MES C . -2.50 -9.99 29.08
H72 MES C . -1.64 -11.52 29.39
H81 MES C . -3.27 -12.78 28.10
H82 MES C . -4.38 -11.41 28.04
C1 BU1 D . 19.15 -8.60 -0.05
C2 BU1 D . 17.72 -8.12 -0.34
C3 BU1 D . 17.47 -7.89 -1.83
C4 BU1 D . 17.84 -6.45 -2.18
O5 BU1 D . 19.98 -7.51 0.28
O6 BU1 D . 18.02 -6.21 -3.55
H11 BU1 D . 19.51 -9.04 -0.83
H12 BU1 D . 19.13 -9.22 0.69
H21 BU1 D . 17.09 -8.79 -0.02
H22 BU1 D . 17.56 -7.30 0.14
H31 BU1 D . 18.01 -8.50 -2.35
H32 BU1 D . 16.53 -8.04 -2.03
H41 BU1 D . 17.14 -5.87 -1.84
H42 BU1 D . 18.67 -6.25 -1.72
HO5 BU1 D . 20.74 -7.80 0.55
HO6 BU1 D . 18.85 -6.12 -3.72
C1 EDO E . 12.90 -18.48 6.96
O1 EDO E . 12.32 -19.74 7.38
C2 EDO E . 13.40 -17.73 8.18
O2 EDO E . 14.34 -16.73 7.77
H11 EDO E . 13.74 -18.68 6.28
H12 EDO E . 12.16 -17.89 6.42
HO1 EDO E . 12.08 -20.26 6.60
H21 EDO E . 12.55 -17.24 8.68
H22 EDO E . 13.86 -18.42 8.88
HO2 EDO E . 14.65 -16.23 8.55
C1 BU1 F . -11.80 -15.43 9.49
C2 BU1 F . -11.56 -16.30 8.23
C3 BU1 F . -12.61 -15.96 7.18
C4 BU1 F . -12.94 -17.16 6.29
O5 BU1 F . -10.77 -15.56 10.47
O6 BU1 F . -13.51 -16.73 5.07
H11 BU1 F . -11.85 -14.51 9.21
H12 BU1 F . -12.64 -15.69 9.89
H21 BU1 F . -10.68 -16.13 7.87
H22 BU1 F . -11.64 -17.24 8.47
H31 BU1 F . -12.28 -15.24 6.62
H32 BU1 F . -13.42 -15.66 7.62
H41 BU1 F . -12.13 -17.67 6.11
H42 BU1 F . -13.58 -17.72 6.75
HO5 BU1 F . -11.02 -15.19 11.19
HO6 BU1 F . -13.52 -17.37 4.51
C1 BU1 G . -14.04 5.39 -7.92
C2 BU1 G . -13.65 6.87 -7.79
C3 BU1 G . -14.20 7.51 -6.51
C4 BU1 G . -15.09 8.73 -6.82
O5 BU1 G . -14.12 5.04 -9.29
O6 BU1 G . -16.17 8.74 -5.92
H11 BU1 G . -13.36 4.84 -7.50
H12 BU1 G . -14.90 5.23 -7.50
H21 BU1 G . -14.02 7.34 -8.55
H22 BU1 G . -12.70 6.97 -7.79
H31 BU1 G . -13.46 7.79 -5.94
H32 BU1 G . -14.74 6.87 -6.03
H41 BU1 G . -14.57 9.55 -6.71
H42 BU1 G . -15.42 8.68 -7.72
HO5 BU1 G . -13.34 5.08 -9.63
HO6 BU1 G . -16.17 9.46 -5.48
#